data_5UND
#
_entry.id   5UND
#
_cell.length_a   75.072
_cell.length_b   73.825
_cell.length_c   93.289
_cell.angle_alpha   90.00
_cell.angle_beta   91.38
_cell.angle_gamma   90.00
#
_symmetry.space_group_name_H-M   'P 1 21 1'
#
loop_
_entity.id
_entity.type
_entity.pdbx_description
1 polymer 'Transcriptional repressor CTCF'
2 polymer 'DNA (26-MER)'
3 polymer 'DNA (26-MER)'
4 non-polymer 'ZINC ION'
5 non-polymer 1,2-ETHANEDIOL
6 non-polymer GLYCEROL
7 water water
#
loop_
_entity_poly.entity_id
_entity_poly.type
_entity_poly.pdbx_seq_one_letter_code
_entity_poly.pdbx_strand_id
1 'polypeptide(L)'
;GSEKPFKCSMCDYASVEVSKLKRHIRSHTGERPFQCSLCSYASRDTYKLKRHMRTHSGEKPYECYICHARFTQSGTMKMH
ILQKHTENVAKFHCPHCDTVIARKSDLGVHLRKQHSYIEQGKKCRYCDAVFHERYALIQHQKSHKNEKRFKCDQCDYACR
QERHMIMHKRTHTGEKPYACSHCDKTFRQKQLLDMHFKRYHD
;
A,B
2 'polydeoxyribonucleotide'
;(DC)(DG)(DC)(DC)(DC)(DC)(DC)(DT)(DG)(DC)(DT)(DG)(DG)(DC)(DC)(DT)(DC)(DT)(DG)(DT)
(DG)(DG)(DG)(DC)(DA)(DC)(DT)(DG)
;
C,E
3 'polydeoxyribonucleotide'
;(DC)(DA)(DG)(DT)(DG)(DC)(DC)(DC)(DA)(DC)(DA)(DG)(DA)(DG)(DG)(DC)(DC)(DA)(DG)(DC)
(DA)(DG)(DG)(DG)(DG)(DG)(DC)(DG)
;
D,F
#
# COMPACT_ATOMS: atom_id res chain seq x y z
N GLU A 3 14.87 -1.85 1.16
CA GLU A 3 14.04 -2.71 1.99
C GLU A 3 12.69 -2.05 2.25
N LYS A 4 12.20 -2.18 3.49
CA LYS A 4 10.93 -1.59 3.90
C LYS A 4 11.18 -0.55 4.98
N PRO A 5 11.15 0.75 4.64
CA PRO A 5 11.49 1.77 5.64
C PRO A 5 10.42 1.95 6.71
N PHE A 6 9.14 1.87 6.34
CA PHE A 6 8.05 2.11 7.28
C PHE A 6 7.87 0.87 8.14
N LYS A 7 8.56 0.85 9.28
CA LYS A 7 8.50 -0.26 10.21
C LYS A 7 7.45 0.00 11.28
N CYS A 8 6.88 -1.10 11.80
CA CYS A 8 5.87 -1.01 12.84
C CYS A 8 6.51 -0.96 14.22
N SER A 9 5.88 -0.21 15.13
CA SER A 9 6.41 -0.01 16.46
C SER A 9 5.90 -1.04 17.47
N MET A 10 4.77 -1.68 17.20
CA MET A 10 4.19 -2.64 18.13
C MET A 10 4.44 -4.10 17.73
N CYS A 11 5.06 -4.33 16.57
CA CYS A 11 5.39 -5.67 16.13
C CYS A 11 6.56 -5.57 15.15
N ASP A 12 6.87 -6.68 14.47
CA ASP A 12 7.98 -6.74 13.54
C ASP A 12 7.55 -6.59 12.09
N TYR A 13 6.51 -5.80 11.83
CA TYR A 13 6.01 -5.58 10.49
C TYR A 13 6.68 -4.37 9.85
N ALA A 14 6.87 -4.44 8.53
CA ALA A 14 7.46 -3.35 7.77
C ALA A 14 6.97 -3.45 6.33
N SER A 15 6.75 -2.29 5.70
CA SER A 15 6.29 -2.23 4.33
C SER A 15 6.96 -1.07 3.61
N VAL A 16 7.05 -1.19 2.28
CA VAL A 16 7.61 -0.10 1.48
C VAL A 16 6.63 1.04 1.25
N GLU A 17 5.39 0.90 1.69
CA GLU A 17 4.37 1.92 1.55
C GLU A 17 3.86 2.34 2.92
N VAL A 18 3.69 3.65 3.12
CA VAL A 18 3.21 4.16 4.39
C VAL A 18 1.73 3.79 4.60
N SER A 19 0.96 3.69 3.51
CA SER A 19 -0.44 3.32 3.64
C SER A 19 -0.62 1.90 4.14
N LYS A 20 0.32 1.01 3.80
CA LYS A 20 0.23 -0.37 4.30
C LYS A 20 0.50 -0.43 5.79
N LEU A 21 1.42 0.40 6.29
CA LEU A 21 1.64 0.48 7.73
C LEU A 21 0.43 1.07 8.44
N LYS A 22 -0.31 1.95 7.77
CA LYS A 22 -1.54 2.47 8.35
C LYS A 22 -2.57 1.37 8.58
N ARG A 23 -2.59 0.36 7.70
CA ARG A 23 -3.50 -0.77 7.90
C ARG A 23 -3.03 -1.65 9.05
N HIS A 24 -1.74 -1.98 9.08
CA HIS A 24 -1.22 -2.85 10.13
C HIS A 24 -1.37 -2.21 11.50
N ILE A 25 -1.03 -0.93 11.62
CA ILE A 25 -1.23 -0.22 12.88
C ILE A 25 -2.71 -0.14 13.23
N ARG A 26 -3.57 -0.14 12.20
CA ARG A 26 -5.01 -0.17 12.45
C ARG A 26 -5.47 -1.53 12.95
N SER A 27 -4.72 -2.60 12.66
CA SER A 27 -5.09 -3.91 13.19
C SER A 27 -4.78 -4.02 14.67
N HIS A 28 -3.72 -3.35 15.14
CA HIS A 28 -3.42 -3.35 16.57
C HIS A 28 -4.45 -2.54 17.35
N THR A 29 -4.68 -1.29 16.92
CA THR A 29 -5.62 -0.43 17.64
C THR A 29 -7.06 -0.90 17.47
N GLY A 30 -7.37 -1.56 16.37
CA GLY A 30 -8.74 -1.99 16.12
C GLY A 30 -9.64 -0.93 15.55
N GLU A 31 -9.07 0.14 15.01
CA GLU A 31 -9.89 1.21 14.41
C GLU A 31 -10.60 0.69 13.18
N ARG A 32 -11.85 1.12 12.99
CA ARG A 32 -12.69 0.70 11.87
C ARG A 32 -13.32 1.94 11.26
N PRO A 33 -12.61 2.62 10.37
CA PRO A 33 -13.12 3.90 9.84
C PRO A 33 -14.09 3.75 8.69
N PHE A 34 -14.70 2.57 8.54
CA PHE A 34 -15.61 2.30 7.43
C PHE A 34 -16.81 1.52 7.99
N GLN A 35 -17.88 2.25 8.31
CA GLN A 35 -19.08 1.64 8.86
C GLN A 35 -20.06 1.31 7.73
N CYS A 36 -20.64 0.12 7.81
CA CYS A 36 -21.67 -0.28 6.84
C CYS A 36 -22.95 0.48 7.12
N SER A 37 -23.57 1.00 6.06
CA SER A 37 -24.80 1.76 6.16
C SER A 37 -26.04 0.89 6.33
N LEU A 38 -25.87 -0.43 6.46
CA LEU A 38 -27.00 -1.35 6.60
C LEU A 38 -27.04 -1.98 7.99
N CYS A 39 -26.02 -2.75 8.36
CA CYS A 39 -25.95 -3.40 9.66
C CYS A 39 -24.87 -2.72 10.50
N SER A 40 -24.60 -3.30 11.68
CA SER A 40 -23.65 -2.75 12.63
C SER A 40 -22.21 -3.17 12.34
N TYR A 41 -21.90 -3.57 11.11
CA TYR A 41 -20.56 -3.99 10.77
C TYR A 41 -19.69 -2.80 10.41
N ALA A 42 -18.46 -2.81 10.90
CA ALA A 42 -17.46 -1.80 10.58
C ALA A 42 -16.18 -2.49 10.15
N SER A 43 -15.50 -1.90 9.16
CA SER A 43 -14.34 -2.52 8.54
C SER A 43 -13.10 -1.66 8.71
N ARG A 44 -11.94 -2.30 8.63
CA ARG A 44 -10.66 -1.61 8.67
C ARG A 44 -10.18 -1.19 7.28
N ASP A 45 -10.61 -1.87 6.23
CA ASP A 45 -10.19 -1.60 4.88
C ASP A 45 -11.40 -1.23 4.03
N THR A 46 -11.14 -0.50 2.94
CA THR A 46 -12.22 -0.09 2.04
C THR A 46 -12.81 -1.29 1.31
N TYR A 47 -11.96 -2.15 0.75
CA TYR A 47 -12.45 -3.28 -0.02
C TYR A 47 -13.18 -4.29 0.85
N LYS A 48 -12.79 -4.42 2.12
CA LYS A 48 -13.49 -5.30 3.03
C LYS A 48 -14.93 -4.86 3.23
N LEU A 49 -15.18 -3.55 3.23
CA LEU A 49 -16.55 -3.06 3.34
C LEU A 49 -17.32 -3.31 2.06
N LYS A 50 -16.70 -3.08 0.91
CA LYS A 50 -17.35 -3.39 -0.37
C LYS A 50 -17.62 -4.88 -0.49
N ARG A 51 -16.68 -5.71 -0.01
CA ARG A 51 -16.91 -7.15 0.01
C ARG A 51 -18.07 -7.51 0.94
N HIS A 52 -18.26 -6.75 2.02
CA HIS A 52 -19.38 -7.00 2.92
C HIS A 52 -20.71 -6.58 2.30
N MET A 53 -20.69 -5.54 1.45
CA MET A 53 -21.93 -5.07 0.83
C MET A 53 -22.51 -6.09 -0.13
N ARG A 54 -21.71 -7.07 -0.58
CA ARG A 54 -22.25 -8.14 -1.41
C ARG A 54 -23.27 -8.98 -0.64
N THR A 55 -23.13 -9.05 0.69
CA THR A 55 -24.07 -9.82 1.49
C THR A 55 -25.42 -9.14 1.58
N HIS A 56 -25.46 -7.80 1.52
CA HIS A 56 -26.73 -7.09 1.56
C HIS A 56 -27.39 -7.02 0.19
N SER A 57 -26.60 -6.86 -0.86
CA SER A 57 -27.13 -6.75 -2.22
C SER A 57 -27.25 -8.08 -2.93
N GLY A 58 -26.62 -9.13 -2.43
CA GLY A 58 -26.65 -10.41 -3.10
C GLY A 58 -25.82 -10.48 -4.36
N GLU A 59 -24.89 -9.54 -4.55
CA GLU A 59 -24.07 -9.52 -5.74
C GLU A 59 -23.04 -10.65 -5.70
N LYS A 60 -22.97 -11.41 -6.79
CA LYS A 60 -22.05 -12.55 -6.91
C LYS A 60 -21.28 -12.39 -8.21
N PRO A 61 -20.21 -11.60 -8.21
CA PRO A 61 -19.50 -11.29 -9.47
C PRO A 61 -18.51 -12.35 -9.92
N TYR A 62 -18.49 -13.53 -9.31
CA TYR A 62 -17.55 -14.58 -9.67
C TYR A 62 -18.32 -15.82 -10.09
N GLU A 63 -18.19 -16.20 -11.36
CA GLU A 63 -18.93 -17.31 -11.94
C GLU A 63 -17.96 -18.39 -12.38
N CYS A 64 -18.16 -19.61 -11.87
CA CYS A 64 -17.36 -20.76 -12.30
C CYS A 64 -17.54 -20.96 -13.80
N TYR A 65 -16.43 -20.90 -14.55
CA TYR A 65 -16.56 -21.03 -16.00
C TYR A 65 -16.90 -22.44 -16.45
N ILE A 66 -16.97 -23.41 -15.54
CA ILE A 66 -17.27 -24.80 -15.89
C ILE A 66 -18.77 -25.07 -15.73
N CYS A 67 -19.30 -24.85 -14.52
CA CYS A 67 -20.70 -25.14 -14.24
C CYS A 67 -21.54 -23.89 -14.05
N HIS A 68 -20.92 -22.71 -14.01
CA HIS A 68 -21.62 -21.42 -14.02
C HIS A 68 -22.39 -21.15 -12.73
N ALA A 69 -21.92 -21.71 -11.62
CA ALA A 69 -22.38 -21.27 -10.31
C ALA A 69 -21.67 -19.98 -9.92
N ARG A 70 -22.37 -19.13 -9.18
CA ARG A 70 -21.85 -17.82 -8.80
C ARG A 70 -21.54 -17.78 -7.32
N PHE A 71 -20.55 -16.96 -6.97
CA PHE A 71 -20.03 -16.89 -5.61
C PHE A 71 -19.78 -15.43 -5.24
N THR A 72 -19.72 -15.17 -3.93
CA THR A 72 -19.56 -13.80 -3.46
C THR A 72 -18.09 -13.36 -3.49
N GLN A 73 -17.17 -14.25 -3.15
CA GLN A 73 -15.75 -13.94 -3.11
C GLN A 73 -15.00 -14.79 -4.13
N SER A 74 -13.84 -14.29 -4.55
CA SER A 74 -13.05 -14.98 -5.58
C SER A 74 -12.42 -16.26 -5.04
N GLY A 75 -11.99 -16.24 -3.78
CA GLY A 75 -11.42 -17.44 -3.19
C GLY A 75 -12.41 -18.58 -3.09
N THR A 76 -13.68 -18.26 -2.88
CA THR A 76 -14.71 -19.30 -2.88
C THR A 76 -14.81 -19.97 -4.25
N MET A 77 -14.81 -19.18 -5.32
CA MET A 77 -14.89 -19.75 -6.66
C MET A 77 -13.67 -20.59 -6.98
N LYS A 78 -12.48 -20.11 -6.59
CA LYS A 78 -11.25 -20.86 -6.84
C LYS A 78 -11.29 -22.22 -6.17
N MET A 79 -11.65 -22.25 -4.88
CA MET A 79 -11.74 -23.52 -4.16
C MET A 79 -12.79 -24.43 -4.79
N HIS A 80 -13.95 -23.86 -5.15
CA HIS A 80 -14.97 -24.61 -5.87
C HIS A 80 -14.39 -25.27 -7.11
N ILE A 81 -13.75 -24.49 -7.97
CA ILE A 81 -13.18 -25.04 -9.21
C ILE A 81 -12.13 -26.09 -8.88
N LEU A 82 -11.28 -25.80 -7.88
CA LEU A 82 -10.22 -26.74 -7.53
C LEU A 82 -10.78 -28.07 -7.06
N GLN A 83 -11.79 -28.05 -6.19
CA GLN A 83 -12.30 -29.29 -5.59
C GLN A 83 -13.37 -29.97 -6.44
N LYS A 84 -14.02 -29.26 -7.36
CA LYS A 84 -15.10 -29.85 -8.15
C LYS A 84 -14.70 -30.18 -9.59
N HIS A 85 -13.81 -29.40 -10.19
CA HIS A 85 -13.57 -29.49 -11.63
C HIS A 85 -12.11 -29.75 -11.98
N THR A 86 -11.32 -30.24 -11.03
CA THR A 86 -9.88 -30.37 -11.22
C THR A 86 -9.40 -31.72 -10.70
N GLU A 87 -8.49 -32.35 -11.44
CA GLU A 87 -7.91 -33.63 -11.04
C GLU A 87 -6.51 -33.43 -10.47
N ASN A 88 -6.07 -34.45 -9.73
CA ASN A 88 -4.70 -34.50 -9.18
C ASN A 88 -4.44 -33.37 -8.21
N VAL A 89 -5.46 -33.00 -7.44
CA VAL A 89 -5.33 -31.90 -6.48
C VAL A 89 -4.67 -32.43 -5.21
N ALA A 90 -3.64 -31.72 -4.75
CA ALA A 90 -2.92 -32.12 -3.55
C ALA A 90 -3.80 -31.92 -2.33
N LYS A 91 -3.91 -32.98 -1.52
CA LYS A 91 -4.71 -32.95 -0.31
C LYS A 91 -3.81 -32.98 0.92
N PHE A 92 -4.42 -32.79 2.08
CA PHE A 92 -3.70 -32.69 3.34
C PHE A 92 -3.82 -33.98 4.13
N HIS A 93 -2.71 -34.43 4.70
CA HIS A 93 -2.68 -35.59 5.57
C HIS A 93 -2.51 -35.14 7.01
N CYS A 94 -3.35 -35.67 7.90
CA CYS A 94 -3.24 -35.33 9.31
C CYS A 94 -1.95 -35.93 9.88
N PRO A 95 -1.14 -35.15 10.59
CA PRO A 95 0.12 -35.68 11.12
C PRO A 95 -0.04 -36.65 12.28
N HIS A 96 -1.27 -36.89 12.76
CA HIS A 96 -1.48 -37.79 13.88
C HIS A 96 -2.22 -39.07 13.53
N CYS A 97 -2.94 -39.11 12.41
CA CYS A 97 -3.65 -40.30 11.98
C CYS A 97 -3.49 -40.44 10.47
N ASP A 98 -4.27 -41.34 9.88
CA ASP A 98 -4.11 -41.69 8.47
C ASP A 98 -5.12 -41.02 7.55
N THR A 99 -6.05 -40.24 8.09
CA THR A 99 -7.11 -39.67 7.27
C THR A 99 -6.58 -38.53 6.40
N VAL A 100 -7.07 -38.46 5.17
CA VAL A 100 -6.68 -37.43 4.20
C VAL A 100 -7.84 -36.45 4.09
N ILE A 101 -7.53 -35.16 4.12
CA ILE A 101 -8.54 -34.10 4.12
C ILE A 101 -8.21 -33.11 3.01
N ALA A 102 -9.24 -32.67 2.29
CA ALA A 102 -9.03 -31.89 1.07
C ALA A 102 -8.62 -30.46 1.38
N ARG A 103 -9.43 -29.75 2.17
CA ARG A 103 -9.17 -28.36 2.48
C ARG A 103 -8.35 -28.24 3.77
N LYS A 104 -7.55 -27.17 3.84
CA LYS A 104 -6.69 -26.96 5.00
C LYS A 104 -7.51 -26.62 6.24
N SER A 105 -8.55 -25.78 6.08
CA SER A 105 -9.36 -25.39 7.23
C SER A 105 -10.13 -26.58 7.79
N ASP A 106 -10.52 -27.54 6.94
CA ASP A 106 -11.16 -28.75 7.44
C ASP A 106 -10.18 -29.63 8.19
N LEU A 107 -8.89 -29.56 7.84
CA LEU A 107 -7.88 -30.27 8.62
C LEU A 107 -7.76 -29.65 10.02
N GLY A 108 -7.87 -28.33 10.11
CA GLY A 108 -7.85 -27.69 11.42
C GLY A 108 -9.05 -28.06 12.27
N VAL A 109 -10.22 -28.18 11.65
CA VAL A 109 -11.40 -28.66 12.37
C VAL A 109 -11.18 -30.09 12.84
N HIS A 110 -10.52 -30.90 12.02
CA HIS A 110 -10.21 -32.28 12.40
C HIS A 110 -9.22 -32.32 13.56
N LEU A 111 -8.22 -31.44 13.55
CA LEU A 111 -7.24 -31.42 14.62
C LEU A 111 -7.85 -30.99 15.95
N ARG A 112 -8.83 -30.09 15.92
CA ARG A 112 -9.44 -29.61 17.15
C ARG A 112 -10.48 -30.59 17.69
N LYS A 113 -11.14 -31.34 16.81
CA LYS A 113 -12.18 -32.27 17.23
C LYS A 113 -11.63 -33.65 17.58
N GLN A 114 -10.56 -34.09 16.91
CA GLN A 114 -10.05 -35.44 17.08
C GLN A 114 -8.77 -35.52 17.90
N HIS A 115 -7.96 -34.47 17.94
CA HIS A 115 -6.64 -34.56 18.56
C HIS A 115 -6.39 -33.49 19.61
N SER A 116 -7.41 -32.73 20.02
CA SER A 116 -7.26 -31.81 21.12
C SER A 116 -7.36 -32.55 22.46
N TYR A 117 -6.62 -32.06 23.45
CA TYR A 117 -6.62 -32.67 24.77
C TYR A 117 -7.88 -32.25 25.53
N ILE A 118 -8.67 -33.24 25.93
CA ILE A 118 -9.89 -33.01 26.70
C ILE A 118 -9.55 -33.19 28.18
N GLU A 119 -9.72 -32.13 28.97
CA GLU A 119 -9.33 -32.19 30.37
C GLU A 119 -10.18 -33.17 31.16
N GLN A 120 -11.46 -33.29 30.81
CA GLN A 120 -12.35 -34.27 31.43
C GLN A 120 -12.29 -35.55 30.60
N GLY A 121 -11.70 -36.60 31.18
CA GLY A 121 -11.62 -37.87 30.47
C GLY A 121 -12.98 -38.47 30.19
N LYS A 122 -13.01 -39.38 29.22
CA LYS A 122 -14.22 -40.10 28.87
C LYS A 122 -13.93 -41.60 28.90
N LYS A 123 -14.78 -42.35 29.61
CA LYS A 123 -14.59 -43.78 29.75
C LYS A 123 -15.10 -44.51 28.51
N CYS A 124 -14.33 -45.52 28.09
CA CYS A 124 -14.79 -46.39 27.02
C CYS A 124 -16.11 -47.07 27.41
N ARG A 125 -17.02 -47.19 26.45
CA ARG A 125 -18.31 -47.79 26.70
C ARG A 125 -18.25 -49.31 26.82
N TYR A 126 -17.07 -49.91 26.67
CA TYR A 126 -16.92 -51.36 26.75
C TYR A 126 -16.00 -51.83 27.86
N CYS A 127 -15.15 -50.97 28.41
CA CYS A 127 -14.28 -51.33 29.53
C CYS A 127 -14.01 -50.08 30.34
N ASP A 128 -13.11 -50.20 31.32
CA ASP A 128 -12.81 -49.11 32.24
C ASP A 128 -11.76 -48.14 31.70
N ALA A 129 -11.27 -48.35 30.48
CA ALA A 129 -10.25 -47.46 29.92
C ALA A 129 -10.80 -46.06 29.75
N VAL A 130 -10.02 -45.06 30.17
CA VAL A 130 -10.40 -43.66 30.10
C VAL A 130 -9.41 -42.93 29.19
N PHE A 131 -9.92 -42.04 28.35
CA PHE A 131 -9.10 -41.33 27.38
C PHE A 131 -9.38 -39.84 27.45
N HIS A 132 -8.37 -39.05 27.09
CA HIS A 132 -8.45 -37.60 27.02
C HIS A 132 -8.32 -37.07 25.60
N GLU A 133 -8.40 -37.93 24.59
CA GLU A 133 -8.36 -37.53 23.19
C GLU A 133 -9.41 -38.34 22.44
N ARG A 134 -10.19 -37.65 21.59
CA ARG A 134 -11.31 -38.31 20.93
C ARG A 134 -10.84 -39.40 19.98
N TYR A 135 -9.75 -39.17 19.25
CA TYR A 135 -9.28 -40.16 18.30
C TYR A 135 -8.82 -41.43 19.00
N ALA A 136 -8.02 -41.30 20.05
CA ALA A 136 -7.60 -42.47 20.81
C ALA A 136 -8.80 -43.22 21.38
N LEU A 137 -9.81 -42.48 21.84
CA LEU A 137 -11.02 -43.10 22.39
C LEU A 137 -11.75 -43.89 21.32
N ILE A 138 -11.96 -43.29 20.14
CA ILE A 138 -12.69 -43.97 19.07
C ILE A 138 -11.91 -45.17 18.57
N GLN A 139 -10.59 -45.03 18.39
CA GLN A 139 -9.77 -46.15 17.95
C GLN A 139 -9.84 -47.31 18.94
N HIS A 140 -9.86 -47.00 20.24
CA HIS A 140 -9.95 -48.05 21.24
C HIS A 140 -11.29 -48.77 21.18
N GLN A 141 -12.39 -48.02 21.10
CA GLN A 141 -13.71 -48.64 21.06
C GLN A 141 -13.91 -49.45 19.79
N LYS A 142 -13.33 -49.01 18.67
CA LYS A 142 -13.41 -49.80 17.44
C LYS A 142 -12.55 -51.05 17.53
N SER A 143 -11.50 -51.03 18.37
CA SER A 143 -10.65 -52.19 18.51
C SER A 143 -11.32 -53.29 19.34
N HIS A 144 -12.35 -52.95 20.12
CA HIS A 144 -13.09 -53.99 20.84
C HIS A 144 -13.82 -54.93 19.89
N LYS A 145 -14.13 -54.48 18.68
CA LYS A 145 -14.79 -55.35 17.71
C LYS A 145 -13.83 -56.41 17.18
N ASN A 146 -12.53 -56.14 17.21
CA ASN A 146 -11.55 -57.11 16.71
C ASN A 146 -11.26 -58.23 17.69
N GLU A 147 -11.59 -58.06 18.97
CA GLU A 147 -11.31 -59.09 19.95
C GLU A 147 -12.24 -60.28 19.77
N LYS A 148 -11.65 -61.49 19.81
CA LYS A 148 -12.38 -62.73 19.60
C LYS A 148 -13.05 -62.77 18.23
N ARG A 149 -12.37 -62.21 17.23
CA ARG A 149 -12.84 -62.23 15.84
C ARG A 149 -11.70 -62.71 14.95
N PHE A 150 -11.95 -63.78 14.20
CA PHE A 150 -10.95 -64.31 13.29
C PHE A 150 -10.93 -63.51 12.00
N LYS A 151 -9.73 -63.14 11.56
CA LYS A 151 -9.56 -62.24 10.42
C LYS A 151 -9.90 -62.96 9.12
N CYS A 152 -9.63 -62.30 8.00
CA CYS A 152 -9.90 -62.82 6.67
C CYS A 152 -8.66 -62.69 5.81
N ASP A 153 -8.39 -63.72 5.00
CA ASP A 153 -7.21 -63.75 4.16
C ASP A 153 -7.46 -63.12 2.79
N GLN A 154 -8.52 -63.55 2.12
CA GLN A 154 -8.85 -63.06 0.78
C GLN A 154 -10.10 -62.18 0.77
N CYS A 155 -11.22 -62.67 1.30
CA CYS A 155 -12.46 -61.91 1.31
C CYS A 155 -12.50 -60.94 2.48
N ASP A 156 -13.70 -60.51 2.87
CA ASP A 156 -13.91 -59.61 3.99
C ASP A 156 -14.83 -60.23 5.04
N TYR A 157 -14.85 -61.55 5.11
CA TYR A 157 -15.73 -62.28 6.02
C TYR A 157 -15.08 -62.39 7.39
N ALA A 158 -15.83 -62.06 8.43
CA ALA A 158 -15.38 -62.19 9.81
C ALA A 158 -16.13 -63.32 10.50
N CYS A 159 -15.50 -63.86 11.54
CA CYS A 159 -16.05 -64.99 12.26
C CYS A 159 -15.53 -64.98 13.69
N ARG A 160 -16.30 -65.63 14.58
CA ARG A 160 -15.95 -65.71 15.99
C ARG A 160 -15.57 -67.11 16.45
N GLN A 161 -15.94 -68.14 15.71
CA GLN A 161 -15.65 -69.53 16.08
C GLN A 161 -14.51 -70.05 15.22
N GLU A 162 -13.58 -70.78 15.87
CA GLU A 162 -12.45 -71.35 15.14
C GLU A 162 -12.90 -72.44 14.18
N ARG A 163 -13.93 -73.20 14.54
CA ARG A 163 -14.40 -74.27 13.65
C ARG A 163 -15.17 -73.70 12.46
N HIS A 164 -15.88 -72.59 12.65
CA HIS A 164 -16.63 -72.00 11.54
C HIS A 164 -15.71 -71.30 10.55
N MET A 165 -14.65 -70.65 11.05
CA MET A 165 -13.69 -70.02 10.15
C MET A 165 -12.86 -71.07 9.41
N ILE A 166 -12.50 -72.16 10.09
CA ILE A 166 -11.78 -73.25 9.43
C ILE A 166 -12.64 -73.89 8.37
N MET A 167 -13.97 -73.89 8.56
CA MET A 167 -14.87 -74.36 7.52
C MET A 167 -15.06 -73.33 6.42
N HIS A 168 -14.92 -72.04 6.75
CA HIS A 168 -15.02 -71.00 5.73
C HIS A 168 -13.81 -70.99 4.81
N LYS A 169 -12.63 -71.34 5.36
CA LYS A 169 -11.44 -71.46 4.52
C LYS A 169 -11.60 -72.57 3.49
N ARG A 170 -12.43 -73.59 3.75
CA ARG A 170 -12.62 -74.64 2.77
C ARG A 170 -13.54 -74.22 1.64
N THR A 171 -14.28 -73.10 1.81
CA THR A 171 -15.12 -72.55 0.76
C THR A 171 -14.32 -71.90 -0.37
N HIS A 172 -13.02 -71.71 -0.19
CA HIS A 172 -12.17 -71.17 -1.25
C HIS A 172 -11.47 -72.25 -2.06
N THR A 173 -11.30 -73.45 -1.49
CA THR A 173 -10.65 -74.55 -2.19
C THR A 173 -11.69 -75.55 -2.70
N GLU D 3 16.39 5.88 4.46
CA GLU D 3 17.00 5.16 3.34
C GLU D 3 15.91 4.91 2.29
N LYS D 4 15.86 5.77 1.29
CA LYS D 4 14.88 5.64 0.21
C LYS D 4 15.21 4.41 -0.64
N PRO D 5 14.33 3.42 -0.72
CA PRO D 5 14.67 2.20 -1.49
C PRO D 5 14.74 2.44 -2.99
N PHE D 6 13.78 3.15 -3.56
CA PHE D 6 13.80 3.40 -4.99
C PHE D 6 14.93 4.35 -5.36
N LYS D 7 15.64 4.02 -6.44
CA LYS D 7 16.78 4.80 -6.89
C LYS D 7 16.66 5.09 -8.38
N CYS D 8 17.40 6.09 -8.82
CA CYS D 8 17.43 6.52 -10.21
C CYS D 8 18.80 6.23 -10.82
N SER D 9 18.82 6.12 -12.15
CA SER D 9 20.04 5.80 -12.88
C SER D 9 20.71 7.02 -13.49
N MET D 10 19.93 8.00 -13.98
CA MET D 10 20.51 9.17 -14.59
C MET D 10 21.16 10.09 -13.57
N CYS D 11 20.69 10.05 -12.32
CA CYS D 11 21.22 10.91 -11.26
C CYS D 11 21.13 10.17 -9.94
N ASP D 12 21.36 10.89 -8.84
CA ASP D 12 21.30 10.33 -7.50
C ASP D 12 19.93 10.50 -6.86
N TYR D 13 18.86 10.48 -7.65
CA TYR D 13 17.52 10.64 -7.11
C TYR D 13 17.10 9.39 -6.35
N ALA D 14 16.62 9.58 -5.13
CA ALA D 14 16.19 8.48 -4.27
C ALA D 14 14.88 8.86 -3.62
N SER D 15 13.81 8.13 -3.95
CA SER D 15 12.48 8.37 -3.41
C SER D 15 11.95 7.08 -2.80
N VAL D 16 10.78 7.17 -2.17
CA VAL D 16 10.14 6.02 -1.56
C VAL D 16 8.93 5.52 -2.34
N GLU D 17 8.30 6.38 -3.14
CA GLU D 17 7.16 5.99 -3.96
C GLU D 17 7.61 5.71 -5.39
N VAL D 18 7.04 4.65 -5.98
CA VAL D 18 7.35 4.34 -7.36
C VAL D 18 6.79 5.40 -8.30
N SER D 19 5.69 6.04 -7.91
CA SER D 19 5.13 7.10 -8.74
C SER D 19 6.00 8.35 -8.73
N LYS D 20 6.66 8.64 -7.61
CA LYS D 20 7.59 9.77 -7.56
C LYS D 20 8.81 9.50 -8.41
N LEU D 21 9.30 8.26 -8.43
CA LEU D 21 10.40 7.90 -9.32
C LEU D 21 9.97 7.80 -10.76
N LYS D 22 8.67 7.55 -11.01
CA LYS D 22 8.18 7.49 -12.38
C LYS D 22 8.11 8.90 -13.00
N ARG D 23 7.67 9.88 -12.22
CA ARG D 23 7.61 11.25 -12.71
C ARG D 23 8.99 11.90 -12.77
N HIS D 24 9.95 11.42 -11.97
CA HIS D 24 11.32 11.92 -12.09
C HIS D 24 11.97 11.43 -13.38
N ILE D 25 11.78 10.15 -13.71
CA ILE D 25 12.30 9.64 -14.97
C ILE D 25 11.57 10.29 -16.14
N ARG D 26 10.31 10.67 -15.95
CA ARG D 26 9.58 11.40 -16.98
C ARG D 26 10.19 12.79 -17.21
N SER D 27 10.76 13.39 -16.16
CA SER D 27 11.43 14.67 -16.33
C SER D 27 12.72 14.54 -17.11
N HIS D 28 13.41 13.41 -16.96
CA HIS D 28 14.61 13.17 -17.77
C HIS D 28 14.27 13.02 -19.25
N THR D 29 13.20 12.28 -19.55
CA THR D 29 12.79 12.07 -20.93
C THR D 29 12.09 13.29 -21.53
N GLY D 30 11.67 14.24 -20.71
CA GLY D 30 10.95 15.39 -21.22
C GLY D 30 9.55 15.09 -21.71
N GLU D 31 8.99 13.95 -21.32
CA GLU D 31 7.66 13.57 -21.77
C GLU D 31 6.61 14.44 -21.09
N ARG D 32 5.69 14.99 -21.89
CA ARG D 32 4.60 15.83 -21.41
C ARG D 32 3.29 15.18 -21.81
N PRO D 33 2.79 14.23 -21.01
CA PRO D 33 1.56 13.50 -21.37
C PRO D 33 0.27 14.27 -21.14
N PHE D 34 0.32 15.57 -20.88
CA PHE D 34 -0.87 16.36 -20.58
C PHE D 34 -0.82 17.65 -21.40
N GLN D 35 -1.58 17.69 -22.48
CA GLN D 35 -1.61 18.84 -23.38
C GLN D 35 -2.70 19.81 -22.95
N CYS D 36 -2.52 21.07 -23.34
CA CYS D 36 -3.47 22.13 -23.02
C CYS D 36 -4.45 22.30 -24.18
N SER D 37 -5.74 22.13 -23.91
CA SER D 37 -6.76 22.22 -24.94
C SER D 37 -7.02 23.65 -25.40
N LEU D 38 -6.29 24.64 -24.88
CA LEU D 38 -6.50 26.04 -25.25
C LEU D 38 -5.32 26.59 -26.05
N CYS D 39 -4.11 26.52 -25.51
CA CYS D 39 -2.91 27.01 -26.17
C CYS D 39 -1.97 25.85 -26.46
N SER D 40 -0.73 26.18 -26.83
CA SER D 40 0.28 25.18 -27.20
C SER D 40 1.06 24.66 -26.00
N TYR D 41 0.54 24.83 -24.79
CA TYR D 41 1.24 24.36 -23.61
C TYR D 41 1.05 22.86 -23.41
N ALA D 42 2.08 22.22 -22.84
CA ALA D 42 2.04 20.79 -22.54
C ALA D 42 2.69 20.57 -21.18
N SER D 43 2.03 19.79 -20.34
CA SER D 43 2.45 19.60 -18.96
C SER D 43 2.92 18.18 -18.71
N ARG D 44 3.87 18.04 -17.79
CA ARG D 44 4.34 16.74 -17.33
C ARG D 44 3.52 16.19 -16.17
N ASP D 45 2.68 17.02 -15.54
CA ASP D 45 1.90 16.63 -14.39
C ASP D 45 0.46 17.08 -14.58
N THR D 46 -0.46 16.42 -13.87
CA THR D 46 -1.87 16.79 -13.95
C THR D 46 -2.12 18.14 -13.31
N TYR D 47 -1.55 18.37 -12.13
CA TYR D 47 -1.80 19.64 -11.42
C TYR D 47 -1.14 20.81 -12.14
N LYS D 48 -0.03 20.57 -12.84
CA LYS D 48 0.60 21.64 -13.60
C LYS D 48 -0.30 22.10 -14.75
N LEU D 49 -1.01 21.16 -15.38
CA LEU D 49 -1.96 21.53 -16.43
C LEU D 49 -3.18 22.22 -15.84
N LYS D 50 -3.67 21.75 -14.68
CA LYS D 50 -4.77 22.42 -14.01
C LYS D 50 -4.38 23.84 -13.60
N ARG D 51 -3.17 24.01 -13.09
CA ARG D 51 -2.69 25.35 -12.73
C ARG D 51 -2.53 26.23 -13.96
N HIS D 52 -2.18 25.64 -15.11
CA HIS D 52 -2.03 26.41 -16.33
C HIS D 52 -3.37 26.92 -16.85
N MET D 53 -4.45 26.18 -16.65
CA MET D 53 -5.75 26.59 -17.16
C MET D 53 -6.23 27.88 -16.52
N ARG D 54 -5.74 28.21 -15.32
CA ARG D 54 -6.11 29.48 -14.69
C ARG D 54 -5.65 30.68 -15.51
N THR D 55 -4.64 30.51 -16.36
CA THR D 55 -4.17 31.60 -17.20
C THR D 55 -5.25 32.03 -18.19
N HIS D 56 -5.99 31.07 -18.74
CA HIS D 56 -7.02 31.42 -19.71
C HIS D 56 -8.33 31.78 -19.03
N SER D 57 -8.76 30.96 -18.06
CA SER D 57 -10.03 31.21 -17.39
C SER D 57 -9.99 32.43 -16.47
N GLY D 58 -8.81 32.87 -16.05
CA GLY D 58 -8.73 33.98 -15.14
C GLY D 58 -9.17 33.67 -13.72
N GLU D 59 -9.10 32.40 -13.33
CA GLU D 59 -9.52 32.00 -11.99
C GLU D 59 -8.40 32.23 -10.99
N LYS D 60 -8.75 32.77 -9.83
CA LYS D 60 -7.82 32.96 -8.72
C LYS D 60 -8.40 32.21 -7.51
N PRO D 61 -8.06 30.94 -7.33
CA PRO D 61 -8.70 30.14 -6.26
C PRO D 61 -8.22 30.45 -4.86
N TYR D 62 -7.10 31.14 -4.70
CA TYR D 62 -6.50 31.36 -3.39
C TYR D 62 -6.83 32.76 -2.89
N GLU D 63 -7.39 32.84 -1.68
CA GLU D 63 -7.89 34.09 -1.12
C GLU D 63 -7.18 34.40 0.18
N CYS D 64 -6.65 35.62 0.29
CA CYS D 64 -6.07 36.07 1.55
C CYS D 64 -7.17 36.20 2.59
N TYR D 65 -7.06 35.43 3.68
CA TYR D 65 -8.14 35.39 4.66
C TYR D 65 -8.27 36.68 5.46
N ILE D 66 -7.32 37.61 5.31
CA ILE D 66 -7.33 38.86 6.05
C ILE D 66 -7.97 39.99 5.26
N CYS D 67 -7.53 40.20 4.01
CA CYS D 67 -8.05 41.29 3.19
C CYS D 67 -8.86 40.82 1.97
N HIS D 68 -8.94 39.51 1.73
CA HIS D 68 -9.80 38.93 0.70
C HIS D 68 -9.33 39.24 -0.71
N ALA D 69 -8.04 39.52 -0.88
CA ALA D 69 -7.45 39.60 -2.22
C ALA D 69 -7.22 38.19 -2.76
N ARG D 70 -7.38 38.03 -4.07
CA ARG D 70 -7.33 36.73 -4.70
C ARG D 70 -6.05 36.55 -5.52
N PHE D 71 -5.61 35.29 -5.63
CA PHE D 71 -4.34 34.97 -6.26
C PHE D 71 -4.47 33.66 -7.03
N THR D 72 -3.60 33.49 -8.03
CA THR D 72 -3.64 32.33 -8.90
C THR D 72 -2.94 31.11 -8.31
N GLN D 73 -2.01 31.30 -7.38
CA GLN D 73 -1.28 30.20 -6.78
C GLN D 73 -1.20 30.41 -5.27
N SER D 74 -0.94 29.31 -4.55
CA SER D 74 -0.87 29.38 -3.10
C SER D 74 0.38 30.12 -2.63
N GLY D 75 1.52 29.88 -3.29
CA GLY D 75 2.74 30.57 -2.92
C GLY D 75 2.64 32.07 -3.12
N THR D 76 1.92 32.50 -4.15
CA THR D 76 1.65 33.91 -4.33
C THR D 76 0.87 34.47 -3.16
N MET D 77 -0.15 33.74 -2.70
CA MET D 77 -0.92 34.19 -1.54
C MET D 77 -0.08 34.20 -0.28
N LYS D 78 0.75 33.17 -0.10
CA LYS D 78 1.62 33.11 1.07
C LYS D 78 2.56 34.30 1.11
N MET D 79 3.19 34.62 -0.01
CA MET D 79 4.11 35.75 -0.06
C MET D 79 3.40 37.06 0.22
N HIS D 80 2.17 37.22 -0.29
CA HIS D 80 1.36 38.39 0.01
C HIS D 80 1.18 38.54 1.51
N ILE D 81 0.75 37.47 2.18
CA ILE D 81 0.53 37.51 3.62
C ILE D 81 1.82 37.84 4.35
N LEU D 82 2.95 37.30 3.86
CA LEU D 82 4.22 37.54 4.51
C LEU D 82 4.65 39.00 4.38
N GLN D 83 4.39 39.62 3.23
CA GLN D 83 4.81 41.00 3.00
C GLN D 83 3.79 42.03 3.45
N LYS D 84 2.51 41.67 3.55
CA LYS D 84 1.47 42.64 3.88
C LYS D 84 0.86 42.44 5.26
N HIS D 85 0.91 41.25 5.84
CA HIS D 85 0.14 40.94 7.04
C HIS D 85 0.97 40.25 8.10
N THR D 86 2.29 40.42 8.09
CA THR D 86 3.16 39.68 9.00
C THR D 86 4.18 40.61 9.63
N GLU D 87 4.36 40.48 10.94
N GLU D 87 4.36 40.48 10.94
CA GLU D 87 5.29 41.30 11.70
CA GLU D 87 5.28 41.32 11.70
C GLU D 87 6.64 40.62 11.80
C GLU D 87 6.64 40.62 11.83
N ASN D 88 7.69 41.45 11.96
CA ASN D 88 9.06 40.97 12.17
C ASN D 88 9.54 40.05 11.04
N VAL D 89 9.33 40.50 9.81
CA VAL D 89 9.77 39.75 8.63
C VAL D 89 11.18 40.21 8.27
N ALA D 90 12.13 39.28 8.31
CA ALA D 90 13.51 39.62 8.00
C ALA D 90 13.66 39.89 6.51
N LYS D 91 14.29 41.02 6.19
CA LYS D 91 14.56 41.38 4.80
C LYS D 91 15.96 40.92 4.41
N PHE D 92 16.23 40.98 3.11
CA PHE D 92 17.48 40.49 2.55
C PHE D 92 18.39 41.66 2.20
N HIS D 93 19.62 41.61 2.69
CA HIS D 93 20.63 42.62 2.39
CA HIS D 93 20.63 42.62 2.39
C HIS D 93 21.57 42.11 1.32
N CYS D 94 21.83 42.94 0.31
CA CYS D 94 22.72 42.53 -0.76
C CYS D 94 24.15 42.40 -0.23
N PRO D 95 24.84 41.30 -0.52
CA PRO D 95 26.22 41.15 -0.03
C PRO D 95 27.23 42.02 -0.77
N HIS D 96 26.82 42.76 -1.79
CA HIS D 96 27.73 43.58 -2.57
C HIS D 96 27.48 45.08 -2.45
N CYS D 97 26.26 45.50 -2.12
CA CYS D 97 25.97 46.91 -1.91
C CYS D 97 25.04 47.05 -0.72
N ASP D 98 24.78 48.29 -0.32
CA ASP D 98 23.96 48.58 0.85
C ASP D 98 22.47 48.39 0.61
N THR D 99 22.07 47.88 -0.55
CA THR D 99 20.66 47.73 -0.87
C THR D 99 20.04 46.61 -0.04
N VAL D 100 18.87 46.89 0.55
CA VAL D 100 18.10 45.91 1.30
C VAL D 100 16.82 45.64 0.52
N ILE D 101 16.48 44.36 0.35
CA ILE D 101 15.36 43.94 -0.47
C ILE D 101 14.47 43.00 0.34
N ALA D 102 13.16 43.10 0.14
CA ALA D 102 12.20 42.33 0.93
C ALA D 102 12.11 40.87 0.46
N ARG D 103 11.86 40.67 -0.84
CA ARG D 103 11.67 39.33 -1.38
C ARG D 103 13.00 38.73 -1.83
N LYS D 104 13.15 37.43 -1.60
CA LYS D 104 14.36 36.74 -2.04
C LYS D 104 14.45 36.69 -3.57
N SER D 105 13.31 36.50 -4.24
CA SER D 105 13.30 36.50 -5.69
C SER D 105 13.78 37.84 -6.25
N ASP D 106 13.35 38.95 -5.62
CA ASP D 106 13.81 40.25 -6.07
C ASP D 106 15.29 40.46 -5.79
N LEU D 107 15.84 39.80 -4.76
CA LEU D 107 17.28 39.87 -4.54
C LEU D 107 18.05 39.17 -5.65
N GLY D 108 17.51 38.06 -6.16
CA GLY D 108 18.14 37.41 -7.30
C GLY D 108 18.14 38.28 -8.54
N VAL D 109 17.06 39.05 -8.73
CA VAL D 109 17.02 40.01 -9.84
C VAL D 109 18.09 41.07 -9.67
N HIS D 110 18.23 41.59 -8.45
CA HIS D 110 19.25 42.59 -8.17
C HIS D 110 20.66 42.04 -8.43
N LEU D 111 20.89 40.78 -8.05
CA LEU D 111 22.20 40.18 -8.26
C LEU D 111 22.51 40.01 -9.75
N ARG D 112 21.50 39.67 -10.54
CA ARG D 112 21.73 39.47 -11.97
C ARG D 112 21.85 40.79 -12.73
N LYS D 113 21.14 41.83 -12.28
CA LYS D 113 21.15 43.11 -12.98
C LYS D 113 22.30 44.01 -12.55
N GLN D 114 22.80 43.84 -11.33
CA GLN D 114 23.83 44.74 -10.80
C GLN D 114 25.18 44.08 -10.55
N HIS D 115 25.23 42.76 -10.36
CA HIS D 115 26.46 42.10 -9.95
C HIS D 115 26.77 40.87 -10.79
N SER D 116 26.14 40.72 -11.95
CA SER D 116 26.35 39.60 -12.83
C SER D 116 27.13 40.02 -14.08
N TYR D 117 27.82 39.06 -14.67
CA TYR D 117 28.62 39.32 -15.87
C TYR D 117 27.70 39.39 -17.09
N ILE D 118 27.70 40.54 -17.75
CA ILE D 118 26.94 40.73 -18.98
C ILE D 118 27.87 40.49 -20.16
N GLU D 119 27.37 39.76 -21.16
CA GLU D 119 28.22 39.38 -22.30
C GLU D 119 28.70 40.61 -23.05
N GLN D 120 27.80 41.55 -23.33
CA GLN D 120 28.16 42.78 -24.04
C GLN D 120 28.54 43.84 -23.03
N GLY D 121 29.81 44.26 -23.06
CA GLY D 121 30.29 45.25 -22.13
C GLY D 121 29.79 46.65 -22.46
N LYS D 122 30.07 47.58 -21.55
CA LYS D 122 29.71 48.97 -21.73
C LYS D 122 30.88 49.85 -21.32
N LYS D 123 31.15 50.86 -22.13
CA LYS D 123 32.28 51.75 -21.89
C LYS D 123 31.91 52.87 -20.94
N CYS D 124 32.84 53.23 -20.07
CA CYS D 124 32.64 54.37 -19.18
C CYS D 124 32.38 55.63 -19.99
N ARG D 125 31.52 56.50 -19.47
CA ARG D 125 31.20 57.74 -20.18
C ARG D 125 32.30 58.78 -20.10
N TYR D 126 33.39 58.52 -19.37
CA TYR D 126 34.45 59.49 -19.21
C TYR D 126 35.84 58.98 -19.53
N CYS D 127 36.00 57.68 -19.81
CA CYS D 127 37.31 57.13 -20.15
C CYS D 127 37.09 55.86 -20.96
N ASP D 128 38.20 55.21 -21.33
CA ASP D 128 38.16 54.02 -22.17
C ASP D 128 37.86 52.73 -21.40
N ALA D 129 37.59 52.82 -20.09
CA ALA D 129 37.34 51.62 -19.30
C ALA D 129 36.02 50.99 -19.73
N VAL D 130 36.03 49.67 -19.91
CA VAL D 130 34.86 48.90 -20.35
C VAL D 130 34.53 47.89 -19.26
N PHE D 131 33.28 47.91 -18.81
CA PHE D 131 32.82 47.05 -17.72
C PHE D 131 31.76 46.08 -18.22
N HIS D 132 31.72 44.91 -17.57
CA HIS D 132 30.68 43.92 -17.82
C HIS D 132 29.77 43.73 -16.62
N GLU D 133 29.79 44.66 -15.67
CA GLU D 133 28.97 44.58 -14.46
C GLU D 133 28.47 45.98 -14.14
N ARG D 134 27.16 46.10 -13.92
CA ARG D 134 26.55 47.43 -13.80
C ARG D 134 27.05 48.17 -12.57
N TYR D 135 27.16 47.49 -11.43
CA TYR D 135 27.57 48.16 -10.21
C TYR D 135 29.01 48.67 -10.30
N ALA D 136 29.91 47.87 -10.87
CA ALA D 136 31.28 48.34 -11.07
C ALA D 136 31.31 49.54 -12.00
N LEU D 137 30.42 49.56 -13.00
CA LEU D 137 30.39 50.67 -13.95
C LEU D 137 29.91 51.95 -13.29
N ILE D 138 28.81 51.87 -12.53
CA ILE D 138 28.27 53.05 -11.86
C ILE D 138 29.26 53.58 -10.83
N GLN D 139 29.86 52.69 -10.03
CA GLN D 139 30.80 53.13 -9.01
C GLN D 139 32.03 53.78 -9.64
N HIS D 140 32.48 53.26 -10.78
CA HIS D 140 33.61 53.85 -11.47
C HIS D 140 33.27 55.23 -12.02
N GLN D 141 32.10 55.37 -12.66
CA GLN D 141 31.72 56.66 -13.22
C GLN D 141 31.49 57.70 -12.14
N LYS D 142 31.01 57.29 -10.96
CA LYS D 142 30.84 58.25 -9.86
C LYS D 142 32.18 58.74 -9.35
N SER D 143 33.22 57.92 -9.42
CA SER D 143 34.56 58.36 -9.05
C SER D 143 35.17 59.32 -10.06
N HIS D 144 34.58 59.44 -11.25
CA HIS D 144 35.07 60.36 -12.27
C HIS D 144 34.71 61.80 -11.99
N LYS D 145 33.92 62.07 -10.97
CA LYS D 145 33.43 63.42 -10.74
C LYS D 145 34.56 64.33 -10.27
N ASN D 146 34.34 65.64 -10.44
CA ASN D 146 35.29 66.67 -10.02
C ASN D 146 36.63 66.53 -10.74
N GLU D 147 36.58 66.20 -12.02
CA GLU D 147 37.79 66.10 -12.83
C GLU D 147 38.19 67.47 -13.38
#